data_7UUM
#
_entry.id   7UUM
#
_cell.length_a   133.748
_cell.length_b   133.748
_cell.length_c   133.748
_cell.angle_alpha   90.000
_cell.angle_beta   90.000
_cell.angle_gamma   90.000
#
_symmetry.space_group_name_H-M   'P 43 3 2'
#
loop_
_entity.id
_entity.type
_entity.pdbx_description
1 polymer 'Aminocyclitol acetyltransferase ApmA'
2 non-polymer 'COENZYME A'
3 non-polymer PAROMOMYCIN
4 non-polymer GLYCEROL
5 water water
#
_entity_poly.entity_id   1
_entity_poly.type   'polypeptide(L)'
_entity_poly.pdbx_seq_one_letter_code
;QGMKTRLEQVLERYLNGREVAVWGVPTRRLLRALKPFKFHTADRVDPQYHYVVAVTDDDLTDFLSDEQSKSFQYANDYLT
FDDEGGELPFERMCFNVPVGRQTYFGDGVVGACENGYIKSIGQFTSINGTAEIHANHQLNMTFVSDDIQNFFNEESMAVF
QEKLRKDPKHPYAYSKEPMTIGSDVYIGAHAFINASTVTSIGDGAIIGSGAVVLENVPPFAVVVGVPARIKRYRFSKEMI
ETLLRVKWWDWSIEEINENVDALISPELFMKKYGSL
;
_entity_poly.pdbx_strand_id   A
#
loop_
_chem_comp.id
_chem_comp.type
_chem_comp.name
_chem_comp.formula
COA non-polymer 'COENZYME A' 'C21 H36 N7 O16 P3 S'
GOL non-polymer GLYCEROL 'C3 H8 O3'
PAR non-polymer PAROMOMYCIN 'C23 H45 N5 O14'
#
# COMPACT_ATOMS: atom_id res chain seq x y z
N GLN A 1 -17.94 -4.32 -8.05
CA GLN A 1 -17.61 -4.36 -6.63
C GLN A 1 -18.29 -3.21 -5.88
N GLY A 2 -18.30 -3.31 -4.55
CA GLY A 2 -18.91 -2.29 -3.72
C GLY A 2 -17.91 -1.25 -3.22
N MET A 3 -16.62 -1.58 -3.20
CA MET A 3 -15.60 -0.66 -2.71
C MET A 3 -14.84 -0.06 -3.88
N LYS A 4 -14.68 1.25 -3.87
CA LYS A 4 -14.10 1.96 -5.00
C LYS A 4 -12.61 1.65 -5.12
N THR A 5 -12.16 1.46 -6.36
CA THR A 5 -10.76 1.25 -6.64
C THR A 5 -10.00 2.57 -6.59
N ARG A 6 -8.68 2.49 -6.69
CA ARG A 6 -7.85 3.69 -6.67
C ARG A 6 -8.14 4.59 -7.86
N LEU A 7 -8.38 3.98 -9.03
CA LEU A 7 -8.71 4.78 -10.22
C LEU A 7 -10.04 5.50 -10.05
N GLU A 8 -11.02 4.85 -9.42
CA GLU A 8 -12.33 5.48 -9.23
C GLU A 8 -12.27 6.61 -8.22
N GLN A 9 -11.43 6.48 -7.18
CA GLN A 9 -11.30 7.55 -6.20
C GLN A 9 -10.62 8.77 -6.80
N VAL A 10 -9.59 8.54 -7.63
CA VAL A 10 -8.88 9.65 -8.28
C VAL A 10 -9.83 10.37 -9.23
N LEU A 11 -10.56 9.61 -10.04
CA LEU A 11 -11.49 10.22 -11.00
C LEU A 11 -12.58 11.02 -10.28
N GLU A 12 -13.05 10.52 -9.14
CA GLU A 12 -14.14 11.18 -8.43
C GLU A 12 -13.74 12.57 -7.95
N ARG A 13 -12.46 12.84 -7.75
CA ARG A 13 -12.00 14.11 -7.23
C ARG A 13 -11.42 15.03 -8.29
N TYR A 14 -10.89 14.50 -9.39
CA TYR A 14 -10.13 15.29 -10.34
C TYR A 14 -10.65 15.29 -11.77
N LEU A 15 -11.52 14.35 -12.14
CA LEU A 15 -12.00 14.30 -13.53
C LEU A 15 -12.76 15.57 -13.89
N ASN A 16 -13.82 15.87 -13.12
CA ASN A 16 -14.53 17.14 -13.20
C ASN A 16 -15.10 17.40 -14.60
N GLY A 17 -15.96 16.48 -15.04
CA GLY A 17 -16.72 16.67 -16.27
C GLY A 17 -15.98 16.35 -17.55
N ARG A 18 -14.67 16.14 -17.51
CA ARG A 18 -13.92 15.83 -18.72
C ARG A 18 -14.16 14.38 -19.14
N GLU A 19 -13.86 14.10 -20.40
CA GLU A 19 -13.89 12.74 -20.90
C GLU A 19 -12.52 12.09 -20.76
N VAL A 20 -12.52 10.77 -20.64
CA VAL A 20 -11.30 10.01 -20.39
C VAL A 20 -10.71 9.55 -21.72
N ALA A 21 -9.43 9.82 -21.92
CA ALA A 21 -8.71 9.33 -23.09
C ALA A 21 -7.83 8.16 -22.66
N VAL A 22 -8.07 6.99 -23.25
CA VAL A 22 -7.39 5.76 -22.85
C VAL A 22 -6.10 5.62 -23.63
N TRP A 23 -4.97 5.65 -22.92
CA TRP A 23 -3.65 5.48 -23.53
C TRP A 23 -3.25 4.03 -23.33
N GLY A 24 -3.56 3.21 -24.33
CA GLY A 24 -3.29 1.78 -24.29
C GLY A 24 -4.53 0.96 -24.55
N VAL A 25 -4.31 -0.35 -24.69
CA VAL A 25 -5.39 -1.29 -24.93
C VAL A 25 -6.07 -1.62 -23.60
N PRO A 26 -7.37 -1.38 -23.46
CA PRO A 26 -8.00 -1.51 -22.15
C PRO A 26 -8.35 -2.95 -21.81
N THR A 27 -8.48 -3.19 -20.51
CA THR A 27 -8.95 -4.47 -19.99
C THR A 27 -10.46 -4.43 -19.81
N ARG A 28 -11.05 -5.60 -19.55
CA ARG A 28 -12.49 -5.65 -19.31
C ARG A 28 -12.84 -4.95 -18.01
N ARG A 29 -11.98 -5.05 -16.99
CA ARG A 29 -12.21 -4.33 -15.75
C ARG A 29 -12.21 -2.82 -15.98
N LEU A 30 -11.29 -2.33 -16.82
CA LEU A 30 -11.24 -0.90 -17.10
C LEU A 30 -12.49 -0.43 -17.83
N LEU A 31 -12.94 -1.20 -18.82
CA LEU A 31 -14.15 -0.84 -19.55
C LEU A 31 -15.36 -0.77 -18.63
N ARG A 32 -15.40 -1.60 -17.60
CA ARG A 32 -16.49 -1.53 -16.63
C ARG A 32 -16.43 -0.26 -15.81
N ALA A 33 -15.22 0.20 -15.49
CA ALA A 33 -15.08 1.41 -14.68
C ALA A 33 -15.40 2.66 -15.48
N LEU A 34 -15.02 2.69 -16.76
CA LEU A 34 -15.23 3.85 -17.61
C LEU A 34 -16.62 3.89 -18.23
N LYS A 35 -17.46 2.89 -17.98
CA LYS A 35 -18.79 2.83 -18.56
C LYS A 35 -19.62 4.10 -18.37
N PRO A 36 -19.71 4.70 -17.18
CA PRO A 36 -20.56 5.90 -17.05
C PRO A 36 -20.01 7.13 -17.73
N PHE A 37 -18.70 7.20 -17.98
CA PHE A 37 -18.10 8.37 -18.58
C PHE A 37 -18.02 8.22 -20.09
N LYS A 38 -17.81 9.35 -20.76
CA LYS A 38 -17.42 9.35 -22.16
C LYS A 38 -15.93 9.05 -22.25
N PHE A 39 -15.59 8.03 -23.04
CA PHE A 39 -14.19 7.66 -23.19
C PHE A 39 -13.92 7.22 -24.63
N HIS A 40 -12.65 7.24 -25.00
CA HIS A 40 -12.24 6.97 -26.37
C HIS A 40 -10.77 6.62 -26.37
N THR A 41 -10.29 6.11 -27.52
CA THR A 41 -8.87 5.87 -27.70
C THR A 41 -8.14 7.19 -27.85
N ALA A 42 -7.09 7.39 -27.06
CA ALA A 42 -6.40 8.67 -27.01
C ALA A 42 -5.72 8.98 -28.33
N ASP A 43 -6.02 10.15 -28.88
CA ASP A 43 -5.34 10.65 -30.08
C ASP A 43 -4.69 11.99 -29.76
N ARG A 44 -5.42 13.08 -30.01
CA ARG A 44 -4.98 14.41 -29.59
C ARG A 44 -5.60 14.72 -28.23
N VAL A 45 -4.76 14.90 -27.22
CA VAL A 45 -5.20 15.06 -25.84
C VAL A 45 -4.93 16.48 -25.38
N ASP A 46 -5.92 17.06 -24.69
CA ASP A 46 -5.83 18.40 -24.13
C ASP A 46 -6.34 18.31 -22.70
N PRO A 47 -5.54 18.67 -21.69
CA PRO A 47 -5.99 18.50 -20.29
C PRO A 47 -7.22 19.32 -19.95
N GLN A 48 -7.53 20.37 -20.71
CA GLN A 48 -8.75 21.12 -20.45
C GLN A 48 -9.99 20.31 -20.80
N TYR A 49 -9.88 19.42 -21.79
CA TYR A 49 -11.02 18.61 -22.23
C TYR A 49 -10.87 17.13 -21.92
N HIS A 50 -9.66 16.64 -21.64
CA HIS A 50 -9.41 15.22 -21.56
C HIS A 50 -8.68 14.86 -20.28
N TYR A 51 -8.84 13.60 -19.87
CA TYR A 51 -8.11 13.01 -18.76
C TYR A 51 -7.52 11.69 -19.26
N VAL A 52 -6.20 11.62 -19.34
CA VAL A 52 -5.53 10.45 -19.90
C VAL A 52 -5.49 9.35 -18.84
N VAL A 53 -5.89 8.15 -19.22
CA VAL A 53 -5.77 6.98 -18.36
C VAL A 53 -4.92 5.95 -19.11
N ALA A 54 -3.69 5.73 -18.63
CA ALA A 54 -2.85 4.68 -19.17
C ALA A 54 -3.22 3.36 -18.53
N VAL A 55 -3.44 2.33 -19.36
CA VAL A 55 -3.90 1.04 -18.85
C VAL A 55 -2.82 0.40 -17.98
N THR A 56 -1.61 0.27 -18.51
CA THR A 56 -0.51 -0.36 -17.80
C THR A 56 0.61 0.65 -17.60
N ASP A 57 1.61 0.25 -16.79
CA ASP A 57 2.75 1.11 -16.53
C ASP A 57 3.58 1.33 -17.79
N ASP A 58 3.71 0.29 -18.62
CA ASP A 58 4.41 0.46 -19.90
C ASP A 58 3.68 1.44 -20.79
N ASP A 59 2.35 1.46 -20.74
CA ASP A 59 1.59 2.45 -21.49
C ASP A 59 1.78 3.84 -20.92
N LEU A 60 2.04 3.96 -19.61
CA LEU A 60 2.35 5.27 -19.04
C LEU A 60 3.68 5.79 -19.55
N THR A 61 4.70 4.93 -19.61
CA THR A 61 6.00 5.35 -20.13
C THR A 61 5.87 5.86 -21.56
N ASP A 62 5.05 5.20 -22.38
CA ASP A 62 4.84 5.67 -23.75
C ASP A 62 4.13 7.02 -23.75
N PHE A 63 3.20 7.23 -22.83
CA PHE A 63 2.48 8.50 -22.78
C PHE A 63 3.41 9.64 -22.36
N LEU A 64 4.24 9.43 -21.34
CA LEU A 64 5.14 10.48 -20.89
C LEU A 64 6.22 10.77 -21.93
N SER A 65 6.57 9.79 -22.76
CA SER A 65 7.50 10.03 -23.86
C SER A 65 6.87 10.84 -24.99
N ASP A 66 5.56 11.03 -24.97
CA ASP A 66 4.87 11.82 -25.98
C ASP A 66 4.91 13.29 -25.61
N GLU A 67 5.05 14.14 -26.63
CA GLU A 67 5.11 15.58 -26.40
C GLU A 67 3.80 16.11 -25.81
N GLN A 68 2.69 15.42 -26.04
CA GLN A 68 1.38 15.87 -25.58
C GLN A 68 1.21 15.77 -24.07
N SER A 69 2.10 15.09 -23.36
CA SER A 69 1.88 14.77 -21.95
C SER A 69 2.39 15.84 -21.01
N LYS A 70 3.15 16.82 -21.48
CA LYS A 70 3.81 17.76 -20.58
C LYS A 70 2.91 18.90 -20.15
N SER A 71 1.63 18.90 -20.53
CA SER A 71 0.63 19.76 -19.93
C SER A 71 -0.30 18.99 -18.99
N PHE A 72 0.08 17.78 -18.61
CA PHE A 72 -0.73 16.91 -17.78
C PHE A 72 -0.03 16.71 -16.44
N GLN A 73 -0.66 17.17 -15.36
CA GLN A 73 -0.13 16.92 -14.03
C GLN A 73 -0.41 15.48 -13.61
N TYR A 74 0.35 14.99 -12.63
CA TYR A 74 0.39 13.58 -12.28
C TYR A 74 -1.00 12.98 -12.07
N ALA A 75 -1.66 13.32 -10.97
CA ALA A 75 -2.96 12.75 -10.65
C ALA A 75 -4.13 13.63 -11.08
N ASN A 76 -3.94 14.94 -11.15
CA ASN A 76 -5.03 15.84 -11.54
C ASN A 76 -5.43 15.62 -12.99
N ASP A 77 -4.51 15.13 -13.83
CA ASP A 77 -4.76 15.05 -15.26
C ASP A 77 -4.53 13.68 -15.87
N TYR A 78 -3.84 12.76 -15.19
CA TYR A 78 -3.69 11.41 -15.69
C TYR A 78 -3.55 10.44 -14.52
N LEU A 79 -3.38 9.16 -14.85
CA LEU A 79 -3.22 8.09 -13.87
C LEU A 79 -3.01 6.78 -14.64
N THR A 80 -2.45 5.80 -13.95
CA THR A 80 -2.29 4.45 -14.48
C THR A 80 -3.39 3.56 -13.91
N PHE A 81 -4.09 2.84 -14.80
CA PHE A 81 -5.18 1.98 -14.37
C PHE A 81 -4.67 0.84 -13.49
N ASP A 82 -3.76 0.03 -14.03
CA ASP A 82 -3.22 -1.13 -13.30
C ASP A 82 -2.13 -0.67 -12.34
N ASP A 83 -2.56 0.06 -11.32
CA ASP A 83 -1.65 0.65 -10.34
C ASP A 83 -2.37 0.92 -9.04
N GLU A 84 -3.02 -0.10 -8.46
CA GLU A 84 -3.81 0.10 -7.25
C GLU A 84 -2.95 0.53 -6.07
N GLY A 85 -1.67 0.19 -6.09
CA GLY A 85 -0.77 0.55 -5.02
C GLY A 85 0.05 1.79 -5.25
N GLY A 86 -0.14 2.49 -6.37
CA GLY A 86 0.66 3.65 -6.66
C GLY A 86 0.39 4.80 -5.71
N GLU A 87 1.42 5.63 -5.51
CA GLU A 87 1.33 6.75 -4.58
C GLU A 87 0.36 7.81 -5.09
N LEU A 88 -0.13 8.63 -4.16
CA LEU A 88 -1.12 9.66 -4.46
C LEU A 88 -0.84 10.85 -3.56
N PRO A 89 -1.27 12.05 -3.97
CA PRO A 89 -1.08 13.24 -3.12
C PRO A 89 -2.12 13.36 -2.01
N PHE A 90 -3.19 12.58 -2.03
CA PHE A 90 -4.21 12.64 -1.00
C PHE A 90 -4.43 11.24 -0.42
N GLU A 91 -4.94 11.20 0.81
CA GLU A 91 -5.22 9.94 1.47
C GLU A 91 -6.33 9.19 0.73
N ARG A 92 -6.12 7.89 0.54
CA ARG A 92 -7.02 7.05 -0.24
C ARG A 92 -7.33 5.79 0.54
N MET A 93 -8.08 4.89 -0.09
CA MET A 93 -8.46 3.62 0.50
C MET A 93 -8.19 2.50 -0.50
N CYS A 94 -7.87 1.31 0.01
CA CYS A 94 -7.52 0.16 -0.81
C CYS A 94 -8.10 -1.09 -0.14
N PHE A 95 -9.31 -1.48 -0.56
CA PHE A 95 -10.03 -2.63 -0.01
C PHE A 95 -10.25 -2.45 1.50
N ASN A 96 -10.93 -1.35 1.84
CA ASN A 96 -11.21 -0.98 3.23
C ASN A 96 -9.92 -0.88 4.06
N VAL A 97 -8.86 -0.38 3.43
CA VAL A 97 -7.59 -0.14 4.12
C VAL A 97 -7.13 1.27 3.81
N PRO A 98 -7.08 2.16 4.81
CA PRO A 98 -6.61 3.53 4.55
C PRO A 98 -5.13 3.56 4.22
N VAL A 99 -4.79 4.24 3.13
CA VAL A 99 -3.41 4.40 2.68
C VAL A 99 -3.08 5.89 2.70
N GLY A 100 -1.96 6.24 3.32
CA GLY A 100 -1.58 7.62 3.49
C GLY A 100 -1.14 8.26 2.18
N ARG A 101 -0.60 9.48 2.31
CA ARG A 101 -0.14 10.24 1.16
C ARG A 101 1.29 9.83 0.78
N GLN A 102 1.56 9.83 -0.52
CA GLN A 102 2.86 9.48 -1.08
C GLN A 102 3.35 8.13 -0.54
N THR A 103 2.44 7.16 -0.56
CA THR A 103 2.73 5.79 -0.13
C THR A 103 2.45 4.85 -1.29
N TYR A 104 3.43 4.03 -1.64
CA TYR A 104 3.32 3.11 -2.77
C TYR A 104 3.73 1.71 -2.34
N PHE A 105 3.08 0.72 -2.97
CA PHE A 105 3.38 -0.68 -2.72
C PHE A 105 3.02 -1.49 -3.97
N GLY A 106 3.42 -2.76 -3.97
CA GLY A 106 3.28 -3.62 -5.13
C GLY A 106 2.02 -4.47 -5.09
N ASP A 107 1.91 -5.34 -6.10
CA ASP A 107 0.71 -6.15 -6.28
C ASP A 107 0.52 -7.14 -5.13
N GLY A 108 1.61 -7.59 -4.51
CA GLY A 108 1.48 -8.53 -3.40
C GLY A 108 0.87 -7.89 -2.18
N VAL A 109 1.23 -6.64 -1.89
CA VAL A 109 0.63 -5.92 -0.77
C VAL A 109 -0.80 -5.53 -1.08
N VAL A 110 -1.10 -5.25 -2.35
CA VAL A 110 -2.48 -4.97 -2.75
C VAL A 110 -3.36 -6.19 -2.46
N GLY A 111 -2.91 -7.37 -2.88
CA GLY A 111 -3.65 -8.58 -2.57
C GLY A 111 -3.73 -8.87 -1.09
N ALA A 112 -2.72 -8.42 -0.33
CA ALA A 112 -2.77 -8.56 1.12
C ALA A 112 -3.84 -7.66 1.74
N CYS A 113 -4.05 -6.48 1.15
CA CYS A 113 -5.11 -5.60 1.63
C CYS A 113 -6.48 -6.22 1.40
N GLU A 114 -6.69 -6.85 0.23
CA GLU A 114 -7.97 -7.45 -0.06
C GLU A 114 -8.22 -8.69 0.79
N ASN A 115 -7.17 -9.40 1.19
CA ASN A 115 -7.30 -10.56 2.06
C ASN A 115 -7.64 -10.17 3.50
N GLY A 116 -7.66 -8.88 3.83
CA GLY A 116 -7.88 -8.44 5.18
C GLY A 116 -6.69 -8.52 6.09
N TYR A 117 -5.49 -8.75 5.53
CA TYR A 117 -4.29 -8.91 6.34
C TYR A 117 -3.77 -7.59 6.90
N ILE A 118 -4.15 -6.45 6.30
CA ILE A 118 -3.62 -5.15 6.66
C ILE A 118 -4.76 -4.28 7.16
N LYS A 119 -4.52 -3.55 8.25
CA LYS A 119 -5.49 -2.62 8.79
C LYS A 119 -5.31 -1.21 8.26
N SER A 120 -4.07 -0.73 8.18
CA SER A 120 -3.80 0.62 7.71
C SER A 120 -2.35 0.70 7.26
N ILE A 121 -2.08 1.62 6.34
CA ILE A 121 -0.73 1.90 5.87
C ILE A 121 -0.46 3.39 6.02
N GLY A 122 0.65 3.73 6.66
CA GLY A 122 0.94 5.10 7.01
C GLY A 122 1.27 5.97 5.81
N GLN A 123 1.63 7.21 6.11
CA GLN A 123 1.98 8.20 5.09
C GLN A 123 3.48 8.18 4.83
N PHE A 124 3.85 8.49 3.58
CA PHE A 124 5.25 8.54 3.17
C PHE A 124 5.95 7.21 3.41
N THR A 125 5.25 6.11 3.17
CA THR A 125 5.80 4.77 3.31
C THR A 125 6.19 4.23 1.93
N SER A 126 7.39 3.67 1.84
CA SER A 126 7.93 3.16 0.59
C SER A 126 8.08 1.64 0.71
N ILE A 127 7.32 0.90 -0.10
CA ILE A 127 7.33 -0.55 -0.10
C ILE A 127 7.67 -1.02 -1.51
N ASN A 128 8.63 -1.93 -1.61
CA ASN A 128 9.03 -2.46 -2.91
C ASN A 128 7.95 -3.35 -3.49
N GLY A 129 7.87 -3.37 -4.82
CA GLY A 129 6.83 -4.14 -5.49
C GLY A 129 6.97 -5.65 -5.30
N THR A 130 8.19 -6.13 -5.09
CA THR A 130 8.43 -7.55 -4.93
C THR A 130 8.11 -8.05 -3.52
N ALA A 131 7.74 -7.16 -2.60
CA ALA A 131 7.44 -7.57 -1.23
C ALA A 131 6.16 -8.38 -1.18
N GLU A 132 6.15 -9.42 -0.34
CA GLU A 132 5.01 -10.30 -0.18
C GLU A 132 4.55 -10.29 1.26
N ILE A 133 3.23 -10.36 1.46
CA ILE A 133 2.61 -10.43 2.78
C ILE A 133 1.57 -11.54 2.74
N HIS A 134 1.85 -12.64 3.43
CA HIS A 134 0.95 -13.78 3.48
C HIS A 134 0.82 -14.27 4.91
N ALA A 135 -0.26 -14.99 5.17
CA ALA A 135 -0.50 -15.61 6.47
C ALA A 135 -0.04 -17.07 6.45
N ASN A 136 -0.06 -17.68 7.61
CA ASN A 136 0.32 -19.08 7.75
C ASN A 136 -0.91 -19.97 7.59
N HIS A 137 -0.68 -21.15 7.02
CA HIS A 137 -1.72 -22.17 7.02
C HIS A 137 -1.82 -22.80 8.41
N GLN A 138 -2.88 -23.58 8.62
CA GLN A 138 -3.06 -24.25 9.89
C GLN A 138 -2.00 -25.34 10.07
N LEU A 139 -1.52 -25.48 11.30
CA LEU A 139 -0.49 -26.45 11.62
C LEU A 139 -0.93 -27.45 12.70
N ASN A 140 -2.07 -27.24 13.34
CA ASN A 140 -2.58 -28.12 14.38
C ASN A 140 -3.37 -29.29 13.83
N MET A 141 -3.25 -29.58 12.54
CA MET A 141 -4.00 -30.66 11.90
C MET A 141 -3.04 -31.55 11.11
N THR A 142 -3.58 -32.67 10.63
CA THR A 142 -2.79 -33.62 9.86
C THR A 142 -2.43 -33.11 8.48
N PHE A 143 -3.07 -32.04 8.01
CA PHE A 143 -2.80 -31.48 6.70
C PHE A 143 -2.43 -30.01 6.82
N VAL A 144 -1.71 -29.52 5.81
CA VAL A 144 -1.36 -28.11 5.72
C VAL A 144 -2.04 -27.41 4.56
N SER A 145 -2.60 -28.16 3.61
CA SER A 145 -3.23 -27.55 2.44
C SER A 145 -4.43 -26.71 2.84
N ASP A 146 -4.67 -25.65 2.07
CA ASP A 146 -5.84 -24.80 2.25
C ASP A 146 -6.97 -25.14 1.29
N ASP A 147 -6.65 -25.43 0.03
CA ASP A 147 -7.66 -25.75 -0.97
C ASP A 147 -8.20 -27.16 -0.83
N ILE A 148 -7.81 -27.90 0.21
CA ILE A 148 -8.48 -29.16 0.52
C ILE A 148 -9.93 -28.91 0.88
N GLN A 149 -10.24 -27.73 1.42
CA GLN A 149 -11.61 -27.41 1.81
C GLN A 149 -12.56 -27.28 0.61
N ASN A 150 -12.02 -27.24 -0.62
CA ASN A 150 -12.89 -27.27 -1.79
C ASN A 150 -13.69 -28.56 -1.88
N PHE A 151 -13.28 -29.60 -1.17
CA PHE A 151 -13.96 -30.89 -1.19
C PHE A 151 -14.88 -31.09 0.02
N PHE A 152 -14.75 -30.27 1.06
CA PHE A 152 -15.58 -30.42 2.23
C PHE A 152 -17.02 -30.04 1.92
N ASN A 153 -17.97 -30.82 2.44
CA ASN A 153 -19.36 -30.41 2.41
C ASN A 153 -19.56 -29.34 3.48
N GLU A 154 -20.82 -29.00 3.76
CA GLU A 154 -21.09 -28.11 4.88
C GLU A 154 -20.56 -28.71 6.17
N GLU A 155 -21.06 -29.89 6.55
CA GLU A 155 -20.69 -30.51 7.83
C GLU A 155 -19.18 -30.50 8.05
N SER A 156 -18.40 -30.77 7.00
CA SER A 156 -16.94 -30.76 7.15
C SER A 156 -16.37 -29.35 7.18
N MET A 157 -16.98 -28.41 6.46
CA MET A 157 -16.50 -27.03 6.47
C MET A 157 -16.72 -26.38 7.82
N ALA A 158 -17.86 -26.66 8.46
CA ALA A 158 -18.17 -26.03 9.74
C ALA A 158 -17.15 -26.42 10.81
N VAL A 159 -16.73 -27.69 10.82
CA VAL A 159 -15.81 -28.14 11.86
C VAL A 159 -14.37 -27.73 11.53
N PHE A 160 -14.00 -27.68 10.25
CA PHE A 160 -12.66 -27.24 9.89
C PHE A 160 -12.44 -25.77 10.25
N GLN A 161 -13.36 -24.90 9.82
CA GLN A 161 -13.26 -23.50 10.19
C GLN A 161 -13.50 -23.28 11.68
N GLU A 162 -14.08 -24.26 12.38
CA GLU A 162 -14.32 -24.10 13.81
C GLU A 162 -13.01 -24.03 14.58
N LYS A 163 -12.10 -24.97 14.33
CA LYS A 163 -10.81 -24.92 15.00
C LYS A 163 -9.95 -23.77 14.50
N LEU A 164 -10.16 -23.35 13.25
CA LEU A 164 -9.37 -22.26 12.69
C LEU A 164 -9.52 -20.99 13.52
N ARG A 165 -10.76 -20.63 13.88
CA ARG A 165 -10.96 -19.48 14.75
C ARG A 165 -10.45 -19.71 16.16
N LYS A 166 -10.35 -20.97 16.60
CA LYS A 166 -9.82 -21.29 17.93
C LYS A 166 -8.40 -21.80 17.80
N ASP A 167 -7.51 -20.89 17.42
CA ASP A 167 -6.11 -21.21 17.18
C ASP A 167 -5.24 -20.03 17.58
N PRO A 168 -4.40 -20.18 18.60
CA PRO A 168 -3.59 -19.04 19.07
C PRO A 168 -2.46 -18.64 18.13
N LYS A 169 -2.13 -19.46 17.13
CA LYS A 169 -1.08 -19.14 16.18
C LYS A 169 -1.61 -18.46 14.92
N HIS A 170 -2.90 -18.13 14.89
CA HIS A 170 -3.54 -17.31 13.87
C HIS A 170 -3.34 -17.83 12.46
N PRO A 171 -3.91 -18.98 12.11
CA PRO A 171 -3.84 -19.44 10.72
C PRO A 171 -4.78 -18.62 9.85
N TYR A 172 -4.29 -18.25 8.66
CA TYR A 172 -5.02 -17.40 7.73
C TYR A 172 -5.40 -16.06 8.35
N ALA A 173 -4.64 -15.63 9.36
CA ALA A 173 -4.88 -14.38 10.08
C ALA A 173 -6.30 -14.32 10.63
N TYR A 174 -6.77 -15.44 11.17
CA TYR A 174 -8.16 -15.55 11.56
C TYR A 174 -8.47 -14.81 12.87
N SER A 175 -7.60 -14.94 13.88
CA SER A 175 -7.94 -14.57 15.24
C SER A 175 -7.17 -13.35 15.74
N LYS A 176 -6.58 -12.57 14.85
CA LYS A 176 -5.74 -11.45 15.25
C LYS A 176 -6.24 -10.14 14.66
N GLU A 177 -5.75 -9.05 15.22
CA GLU A 177 -5.99 -7.74 14.64
C GLU A 177 -5.25 -7.62 13.31
N PRO A 178 -5.84 -6.97 12.31
CA PRO A 178 -5.13 -6.79 11.04
C PRO A 178 -3.85 -5.97 11.23
N MET A 179 -2.82 -6.33 10.48
CA MET A 179 -1.50 -5.73 10.67
C MET A 179 -1.48 -4.28 10.22
N THR A 180 -0.84 -3.43 11.02
CA THR A 180 -0.70 -2.01 10.73
C THR A 180 0.74 -1.71 10.30
N ILE A 181 0.88 -0.95 9.22
CA ILE A 181 2.18 -0.49 8.73
C ILE A 181 2.23 1.02 8.93
N GLY A 182 3.25 1.49 9.63
CA GLY A 182 3.32 2.87 10.05
C GLY A 182 3.70 3.83 8.93
N SER A 183 4.06 5.03 9.33
CA SER A 183 4.46 6.09 8.42
C SER A 183 5.98 6.17 8.33
N ASP A 184 6.47 6.68 7.20
CA ASP A 184 7.90 6.82 6.95
C ASP A 184 8.62 5.47 7.01
N VAL A 185 7.93 4.42 6.57
CA VAL A 185 8.48 3.07 6.58
C VAL A 185 9.14 2.79 5.23
N TYR A 186 10.22 2.03 5.27
CA TYR A 186 10.92 1.60 4.06
C TYR A 186 11.03 0.08 4.07
N ILE A 187 10.57 -0.55 3.00
CA ILE A 187 10.61 -2.01 2.85
C ILE A 187 11.31 -2.33 1.53
N GLY A 188 12.33 -3.18 1.60
CA GLY A 188 13.17 -3.47 0.46
C GLY A 188 12.65 -4.60 -0.41
N ALA A 189 13.40 -4.88 -1.47
CA ALA A 189 13.01 -5.90 -2.43
C ALA A 189 13.11 -7.29 -1.82
N HIS A 190 12.25 -8.19 -2.31
CA HIS A 190 12.21 -9.59 -1.88
C HIS A 190 11.93 -9.75 -0.39
N ALA A 191 11.36 -8.73 0.24
CA ALA A 191 11.04 -8.82 1.65
C ALA A 191 9.74 -9.59 1.86
N PHE A 192 9.59 -10.17 3.06
CA PHE A 192 8.40 -10.91 3.40
C PHE A 192 7.97 -10.59 4.82
N ILE A 193 6.67 -10.46 5.01
CA ILE A 193 6.07 -10.24 6.33
C ILE A 193 5.00 -11.32 6.53
N ASN A 194 5.03 -11.97 7.68
CA ASN A 194 4.08 -13.02 8.00
C ASN A 194 2.82 -12.38 8.60
N ALA A 195 1.72 -12.42 7.84
CA ALA A 195 0.46 -11.86 8.32
C ALA A 195 -0.15 -12.63 9.47
N SER A 196 0.36 -13.83 9.77
CA SER A 196 -0.19 -14.62 10.86
C SER A 196 0.40 -14.24 12.21
N THR A 197 1.66 -13.79 12.24
CA THR A 197 2.34 -13.48 13.48
C THR A 197 2.67 -12.00 13.66
N VAL A 198 2.85 -11.26 12.57
CA VAL A 198 3.13 -9.83 12.65
C VAL A 198 1.81 -9.08 12.71
N THR A 199 1.65 -8.26 13.76
CA THR A 199 0.45 -7.45 13.91
C THR A 199 0.72 -5.95 13.84
N SER A 200 1.98 -5.53 13.81
CA SER A 200 2.29 -4.11 13.77
C SER A 200 3.70 -3.91 13.22
N ILE A 201 3.87 -2.88 12.41
CA ILE A 201 5.18 -2.43 11.93
C ILE A 201 5.25 -0.95 12.25
N GLY A 202 6.10 -0.59 13.21
CA GLY A 202 6.12 0.76 13.74
C GLY A 202 6.51 1.79 12.69
N ASP A 203 6.15 3.03 12.99
CA ASP A 203 6.50 4.14 12.10
C ASP A 203 8.01 4.25 11.96
N GLY A 204 8.46 4.63 10.77
CA GLY A 204 9.87 4.82 10.53
C GLY A 204 10.70 3.56 10.52
N ALA A 205 10.07 2.38 10.49
CA ALA A 205 10.82 1.14 10.45
C ALA A 205 11.45 0.93 9.07
N ILE A 206 12.55 0.20 9.03
CA ILE A 206 13.26 -0.11 7.80
C ILE A 206 13.46 -1.61 7.72
N ILE A 207 12.92 -2.22 6.66
CA ILE A 207 13.06 -3.65 6.41
C ILE A 207 14.04 -3.83 5.26
N GLY A 208 15.14 -4.52 5.52
CA GLY A 208 16.16 -4.73 4.50
C GLY A 208 15.68 -5.65 3.40
N SER A 209 16.52 -5.77 2.36
CA SER A 209 16.19 -6.62 1.24
C SER A 209 16.34 -8.09 1.60
N GLY A 210 15.46 -8.91 1.03
CA GLY A 210 15.47 -10.34 1.29
C GLY A 210 15.14 -10.69 2.72
N ALA A 211 14.67 -9.71 3.49
CA ALA A 211 14.41 -9.93 4.91
C ALA A 211 13.06 -10.61 5.10
N VAL A 212 13.02 -11.56 6.03
CA VAL A 212 11.81 -12.28 6.39
C VAL A 212 11.50 -11.92 7.83
N VAL A 213 10.55 -11.02 8.03
CA VAL A 213 10.15 -10.62 9.38
C VAL A 213 9.02 -11.53 9.83
N LEU A 214 9.11 -11.99 11.08
CA LEU A 214 8.12 -12.89 11.65
C LEU A 214 7.48 -12.35 12.93
N GLU A 215 7.98 -11.25 13.47
CA GLU A 215 7.41 -10.61 14.65
C GLU A 215 7.30 -9.11 14.39
N ASN A 216 6.70 -8.40 15.35
CA ASN A 216 6.50 -6.98 15.19
C ASN A 216 7.84 -6.25 15.11
N VAL A 217 7.84 -5.14 14.38
CA VAL A 217 9.03 -4.32 14.19
C VAL A 217 8.81 -3.02 14.96
N PRO A 218 9.61 -2.75 15.99
CA PRO A 218 9.40 -1.52 16.75
C PRO A 218 9.68 -0.30 15.91
N PRO A 219 9.09 0.84 16.26
CA PRO A 219 9.26 2.05 15.43
C PRO A 219 10.72 2.45 15.29
N PHE A 220 11.11 2.80 14.06
CA PHE A 220 12.44 3.31 13.74
C PHE A 220 13.53 2.28 14.01
N ALA A 221 13.21 1.00 13.86
CA ALA A 221 14.18 -0.08 13.93
C ALA A 221 14.44 -0.62 12.53
N VAL A 222 15.66 -1.14 12.34
CA VAL A 222 16.09 -1.67 11.05
C VAL A 222 16.24 -3.17 11.21
N VAL A 223 15.26 -3.92 10.72
CA VAL A 223 15.28 -5.38 10.78
C VAL A 223 15.88 -5.93 9.49
N VAL A 224 16.69 -6.98 9.63
CA VAL A 224 17.49 -7.49 8.52
C VAL A 224 17.76 -8.97 8.75
N GLY A 225 17.64 -9.76 7.68
CA GLY A 225 18.10 -11.13 7.67
C GLY A 225 16.98 -12.13 7.47
N VAL A 226 17.37 -13.39 7.43
CA VAL A 226 16.46 -14.52 7.32
C VAL A 226 16.71 -15.45 8.48
N PRO A 227 15.93 -15.34 9.57
CA PRO A 227 14.83 -14.39 9.80
C PRO A 227 15.32 -13.00 10.18
N ALA A 228 14.43 -12.02 10.19
CA ALA A 228 14.82 -10.63 10.41
C ALA A 228 15.16 -10.39 11.87
N ARG A 229 16.35 -9.84 12.12
CA ARG A 229 16.78 -9.44 13.44
C ARG A 229 17.07 -7.95 13.45
N ILE A 230 16.79 -7.30 14.58
CA ILE A 230 17.11 -5.89 14.74
C ILE A 230 18.62 -5.74 14.80
N LYS A 231 19.20 -5.06 13.82
CA LYS A 231 20.64 -4.83 13.78
C LYS A 231 21.03 -3.44 14.28
N ARG A 232 20.11 -2.47 14.20
CA ARG A 232 20.40 -1.09 14.56
C ARG A 232 19.09 -0.31 14.54
N TYR A 233 18.96 0.65 15.44
CA TYR A 233 17.83 1.58 15.42
C TYR A 233 18.18 2.78 14.56
N ARG A 234 17.18 3.29 13.83
CA ARG A 234 17.43 4.36 12.88
C ARG A 234 17.85 5.65 13.59
N PHE A 235 17.26 5.93 14.74
CA PHE A 235 17.50 7.17 15.48
C PHE A 235 17.82 6.86 16.93
N SER A 236 18.18 7.90 17.67
CA SER A 236 18.36 7.78 19.11
C SER A 236 17.01 7.58 19.79
N LYS A 237 17.07 7.07 21.02
CA LYS A 237 15.84 6.82 21.78
C LYS A 237 15.05 8.11 21.97
N GLU A 238 15.74 9.19 22.35
CA GLU A 238 15.05 10.46 22.60
C GLU A 238 14.32 10.95 21.35
N MET A 239 14.87 10.70 20.17
CA MET A 239 14.21 11.10 18.94
C MET A 239 12.96 10.26 18.67
N ILE A 240 13.06 8.95 18.88
CA ILE A 240 11.92 8.06 18.63
C ILE A 240 10.75 8.43 19.54
N GLU A 241 11.05 8.75 20.81
CA GLU A 241 9.99 9.18 21.71
C GLU A 241 9.35 10.48 21.25
N THR A 242 10.17 11.44 20.81
CA THR A 242 9.64 12.70 20.32
C THR A 242 8.91 12.51 19.00
N LEU A 243 9.52 11.78 18.06
CA LEU A 243 8.95 11.63 16.73
C LEU A 243 7.58 10.95 16.78
N LEU A 244 7.33 10.11 17.78
CA LEU A 244 6.10 9.33 17.81
C LEU A 244 4.87 10.18 18.07
N ARG A 245 5.01 11.36 18.68
CA ARG A 245 3.87 12.19 19.00
C ARG A 245 3.89 13.58 18.38
N VAL A 246 4.97 13.94 17.67
CA VAL A 246 4.89 15.14 16.84
C VAL A 246 4.24 14.81 15.50
N LYS A 247 4.55 13.65 14.95
CA LYS A 247 3.90 13.12 13.76
C LYS A 247 3.98 14.11 12.59
N TRP A 248 5.22 14.31 12.12
CA TRP A 248 5.44 15.22 11.00
C TRP A 248 4.74 14.71 9.74
N TRP A 249 4.52 13.40 9.64
CA TRP A 249 3.85 12.83 8.47
C TRP A 249 2.40 13.23 8.37
N ASP A 250 1.83 13.86 9.41
CA ASP A 250 0.47 14.37 9.38
C ASP A 250 0.42 15.87 9.10
N TRP A 251 1.57 16.51 8.90
CA TRP A 251 1.60 17.94 8.59
C TRP A 251 0.98 18.20 7.23
N SER A 252 0.54 19.45 7.03
CA SER A 252 0.04 19.86 5.74
C SER A 252 1.19 20.00 4.75
N ILE A 253 0.83 20.19 3.48
CA ILE A 253 1.86 20.38 2.46
C ILE A 253 2.58 21.71 2.67
N GLU A 254 1.89 22.70 3.24
CA GLU A 254 2.54 23.97 3.54
C GLU A 254 3.45 23.86 4.75
N GLU A 255 3.06 23.05 5.74
CA GLU A 255 3.86 22.92 6.95
C GLU A 255 5.11 22.08 6.72
N ILE A 256 5.06 21.12 5.80
CA ILE A 256 6.26 20.38 5.43
C ILE A 256 7.26 21.31 4.77
N ASN A 257 6.77 22.21 3.90
CA ASN A 257 7.61 23.19 3.25
C ASN A 257 8.05 24.31 4.17
N GLU A 258 7.42 24.46 5.33
CA GLU A 258 7.87 25.42 6.32
C GLU A 258 9.03 24.87 7.14
N ASN A 259 8.93 23.62 7.56
CA ASN A 259 9.96 22.97 8.40
C ASN A 259 10.81 22.01 7.58
N VAL A 260 11.30 22.47 6.42
CA VAL A 260 12.19 21.63 5.61
C VAL A 260 13.48 21.38 6.38
N ASP A 261 14.00 22.40 7.06
CA ASP A 261 15.27 22.26 7.77
C ASP A 261 15.16 21.24 8.90
N ALA A 262 14.02 21.20 9.59
CA ALA A 262 13.83 20.23 10.65
C ALA A 262 13.78 18.80 10.10
N LEU A 263 13.07 18.60 8.99
CA LEU A 263 12.99 17.28 8.38
C LEU A 263 14.29 16.89 7.68
N ILE A 264 15.10 17.86 7.27
CA ILE A 264 16.32 17.56 6.55
C ILE A 264 17.46 17.26 7.51
N SER A 265 17.58 18.04 8.58
CA SER A 265 18.62 17.81 9.58
C SER A 265 18.01 17.13 10.80
N PRO A 266 18.41 15.90 11.13
CA PRO A 266 17.88 15.27 12.34
C PRO A 266 18.32 15.97 13.61
N GLU A 267 19.55 16.48 13.62
CA GLU A 267 20.03 17.24 14.77
C GLU A 267 19.19 18.49 15.00
N LEU A 268 18.73 19.14 13.92
CA LEU A 268 17.87 20.30 14.07
C LEU A 268 16.47 19.92 14.52
N PHE A 269 16.00 18.71 14.16
CA PHE A 269 14.64 18.31 14.50
C PHE A 269 14.44 18.27 16.01
N MET A 270 15.38 17.65 16.74
CA MET A 270 15.26 17.59 18.19
C MET A 270 15.33 18.98 18.82
N LYS A 271 16.15 19.86 18.26
CA LYS A 271 16.29 21.20 18.81
C LYS A 271 14.97 21.95 18.77
N LYS A 272 14.16 21.71 17.74
CA LYS A 272 12.89 22.41 17.58
C LYS A 272 11.74 21.72 18.30
N TYR A 273 11.89 20.46 18.68
CA TYR A 273 10.76 19.71 19.25
C TYR A 273 11.12 18.90 20.48
N GLY A 274 12.35 18.97 20.98
CA GLY A 274 12.73 18.25 22.18
C GLY A 274 12.48 19.05 23.45
N1A COA B . 12.02 -17.74 7.67
C2A COA B . 13.04 -17.65 8.57
N3A COA B . 12.93 -18.23 9.76
C4A COA B . 11.82 -18.89 10.08
C5A COA B . 10.82 -18.97 9.21
C6A COA B . 10.93 -18.38 7.98
N6A COA B . 10.04 -18.31 6.86
N7A COA B . 9.84 -19.68 9.78
C8A COA B . 10.24 -20.03 11.01
N9A COA B . 11.46 -19.54 11.20
C1B COA B . 12.29 -19.66 12.34
C2B COA B . 11.89 -18.80 13.28
O2B COA B . 12.73 -17.60 13.25
C3B COA B . 12.11 -19.57 14.61
O3B COA B . 13.37 -19.44 15.01
P3B COA B . 13.85 -20.09 16.44
O7A COA B . 14.30 -21.53 16.24
O8A COA B . 15.03 -19.27 16.99
O9A COA B . 12.69 -20.04 17.44
C4B COA B . 11.83 -21.08 14.23
O4B COA B . 12.12 -21.18 12.96
C5B COA B . 10.35 -21.49 14.48
O5B COA B . 9.55 -20.38 14.68
P1A COA B . 7.95 -20.53 14.53
O1A COA B . 7.34 -19.18 14.41
O2A COA B . 7.41 -21.23 15.74
O3A COA B . 7.56 -21.41 13.19
P2A COA B . 5.96 -21.75 12.74
O4A COA B . 5.60 -23.15 13.13
O5A COA B . 5.00 -20.75 13.46
O6A COA B . 5.78 -21.60 11.09
CBP COA B . 6.52 -21.43 8.83
CCP COA B . 6.94 -21.68 10.26
CDP COA B . 7.68 -21.83 7.86
CEP COA B . 5.26 -22.29 8.50
CAP COA B . 6.18 -19.92 8.68
OAP COA B . 7.03 -19.16 9.49
C9P COA B . 6.31 -19.46 7.24
O9P COA B . 7.22 -18.75 6.92
N8P COA B . 5.33 -19.87 6.25
C7P COA B . 5.47 -19.41 4.86
C6P COA B . 4.60 -18.12 4.69
C5P COA B . 4.45 -17.86 3.21
O5P COA B . 5.37 -17.58 2.58
N4P COA B . 3.11 -17.97 2.58
C3P COA B . 2.98 -17.71 1.09
C2P COA B . 2.82 -19.07 0.41
S1P COA B . 1.04 -19.61 0.52
C11 PAR C . -3.02 -18.32 -1.33
O11 PAR C . -3.34 -19.48 -2.09
C21 PAR C . -2.42 -18.71 0.01
N21 PAR C . -1.53 -19.88 -0.20
C31 PAR C . -3.43 -19.05 1.03
O31 PAR C . -2.75 -19.24 2.31
C41 PAR C . -4.44 -17.99 1.20
O41 PAR C . -5.44 -18.44 2.15
C51 PAR C . -5.13 -17.65 -0.12
O51 PAR C . -4.20 -17.40 -1.23
C61 PAR C . -5.96 -16.41 0.10
O61 PAR C . -7.18 -16.52 -0.62
C12 PAR C . -4.87 -20.08 -5.94
N12 PAR C . -5.71 -20.01 -7.14
C22 PAR C . -5.75 -20.52 -4.76
C32 PAR C . -4.91 -20.61 -3.50
N32 PAR C . -5.79 -21.03 -2.37
C42 PAR C . -4.28 -19.25 -3.13
C52 PAR C . -3.64 -18.47 -4.30
O52 PAR C . -3.89 -17.11 -3.96
C62 PAR C . -4.23 -18.71 -5.70
O62 PAR C . -3.19 -18.55 -6.67
C13 PAR C . -3.21 -16.13 -4.65
C23 PAR C . -2.63 -15.28 -3.84
O23 PAR C . -3.57 -14.57 -2.96
C33 PAR C . -1.79 -14.37 -4.82
O33 PAR C . -2.32 -13.24 -5.42
C43 PAR C . -1.30 -15.44 -5.88
O43 PAR C . -1.91 -16.58 -5.59
C53 PAR C . 0.24 -15.65 -5.72
O53 PAR C . 0.51 -16.41 -4.55
C14 PAR C . -3.66 -13.02 -5.53
C24 PAR C . -3.94 -11.85 -6.47
N24 PAR C . -2.94 -10.77 -6.20
C34 PAR C . -5.32 -11.25 -6.38
O34 PAR C . -6.01 -11.48 -7.63
C44 PAR C . -6.25 -11.66 -5.26
O44 PAR C . -6.61 -10.47 -4.51
C54 PAR C . -5.72 -12.71 -4.28
O54 PAR C . -4.25 -12.71 -4.18
C64 PAR C . -6.29 -12.44 -2.90
N64 PAR C . -7.73 -12.82 -2.87
C1 GOL D . 10.28 -0.97 -22.72
O1 GOL D . 11.57 -0.82 -23.24
C2 GOL D . 9.60 -2.10 -23.52
O2 GOL D . 10.27 -3.31 -23.39
C3 GOL D . 8.15 -2.17 -22.98
O3 GOL D . 7.53 -0.99 -23.39
#